data_8G6P
#
_entry.id   8G6P
#
_cell.length_a   62.792
_cell.length_b   62.792
_cell.length_c   238.267
_cell.angle_alpha   90.00
_cell.angle_beta   90.00
_cell.angle_gamma   90.00
#
_symmetry.space_group_name_H-M   'P 43 21 2'
#
loop_
_entity.id
_entity.type
_entity.pdbx_description
1 polymer 'UDP-N-acetylmuramoyl-L-alanyl-D-glutamate--2,6-diaminopimelate ligase'
2 non-polymer 'MAGNESIUM ION'
3 non-polymer GLYCEROL
4 non-polymer "ADENOSINE-5'-DIPHOSPHATE"
5 non-polymer '2,6-DIAMINOPIMELIC ACID'
6 water water
#
_entity_poly.entity_id   1
_entity_poly.type   'polypeptide(L)'
_entity_poly.pdbx_seq_one_letter_code
;HMMNLRPSDPVGASLRHLAEQVHAVPIGSVEVPDLHISGITLRSQDARRGDLFAALAGASAHGADHAADAVARGAVAVLT
DSAGATRLDGTVPAPVLVHPNPRTVLGELAATVYGRPADRLRVIGITGTSGKTTTAYLVEAGLRAADRVPGLIGTVGVRI
DGMDEPSALTTPEAPDLQALLAVMADRGVDTVVMEVSSHALSLHRVDGVRFAVGGFTNLSRDHLDFHPTMADYFAA
(KCX)ARLFDPQAPTCAERSVICIDDEAGRAMLAGAHRPVSVSATGQRADWVAEDVRFAGPTAQDFTAVDPAGVRHRLRV
GLPGRFNIANCLLAVALLDAVGVSPAQAAPGLRTATVPGRLEPVDRGQDFLALVDYAHKPGALSAVLDSLRASATGRLAV
VFGAGGNRDPGKREEMGRVAAERADLVVVTDDNPRDEDPAAIRAAIVAGAKSVAGQAQIVEIADRREAIDHAVRWAGAGD
VVLIAGKGHESGQTRGGQTRPFDDRAELAAALVART
;
_entity_poly.pdbx_strand_id   A
#
# COMPACT_ATOMS: atom_id res chain seq x y z
N HIS A 1 8.77 -1.20 23.85
CA HIS A 1 10.04 -0.52 23.62
C HIS A 1 10.84 -1.21 22.50
N MET A 2 10.13 -1.88 21.61
CA MET A 2 10.77 -2.65 20.54
C MET A 2 11.23 -1.70 19.44
N MET A 3 12.54 -1.64 19.22
CA MET A 3 13.11 -0.79 18.19
C MET A 3 12.81 -1.34 16.80
N ASN A 4 12.89 -0.45 15.82
CA ASN A 4 12.59 -0.83 14.45
C ASN A 4 13.65 -1.79 13.90
N LEU A 5 13.23 -2.63 12.95
CA LEU A 5 14.03 -3.72 12.42
C LEU A 5 15.20 -3.23 11.56
N ARG A 6 16.36 -3.84 11.77
CA ARG A 6 17.58 -3.57 11.00
C ARG A 6 18.22 -4.89 10.58
N PRO A 7 19.05 -4.88 9.53
CA PRO A 7 19.89 -6.05 9.27
C PRO A 7 20.85 -6.28 10.43
N SER A 8 21.11 -7.56 10.72
CA SER A 8 21.88 -7.89 11.91
CA SER A 8 21.86 -7.89 11.92
C SER A 8 23.34 -7.51 11.81
N ASP A 9 23.91 -7.54 10.60
CA ASP A 9 25.35 -7.30 10.42
CA ASP A 9 25.35 -7.29 10.41
C ASP A 9 25.57 -6.56 9.11
N PRO A 10 25.14 -5.30 9.03
CA PRO A 10 25.29 -4.58 7.75
C PRO A 10 26.73 -4.23 7.46
N VAL A 11 27.04 -4.09 6.18
CA VAL A 11 28.41 -3.76 5.80
C VAL A 11 28.82 -2.44 6.42
N GLY A 12 27.90 -1.47 6.48
CA GLY A 12 28.24 -0.15 6.99
C GLY A 12 29.12 0.63 6.03
N ALA A 13 29.47 1.85 6.46
CA ALA A 13 30.25 2.74 5.61
C ALA A 13 30.94 3.79 6.47
N SER A 14 32.04 4.32 5.94
CA SER A 14 32.76 5.42 6.58
C SER A 14 31.94 6.71 6.48
N LEU A 15 31.86 7.44 7.59
CA LEU A 15 31.13 8.71 7.57
C LEU A 15 31.69 9.65 6.52
N ARG A 16 33.02 9.66 6.34
CA ARG A 16 33.64 10.51 5.34
C ARG A 16 33.19 10.13 3.93
N HIS A 17 33.14 8.82 3.66
CA HIS A 17 32.64 8.36 2.36
CA HIS A 17 32.64 8.37 2.36
C HIS A 17 31.21 8.80 2.14
N LEU A 18 30.36 8.66 3.17
CA LEU A 18 28.98 9.09 3.04
C LEU A 18 28.88 10.58 2.77
N ALA A 19 29.67 11.40 3.49
CA ALA A 19 29.64 12.84 3.29
C ALA A 19 30.03 13.19 1.87
N GLU A 20 31.08 12.55 1.35
CA GLU A 20 31.52 12.78 -0.02
C GLU A 20 30.45 12.35 -1.01
N GLN A 21 29.73 11.28 -0.71
CA GLN A 21 28.74 10.75 -1.65
C GLN A 21 27.63 11.75 -1.91
N VAL A 22 27.23 12.50 -0.89
CA VAL A 22 26.07 13.37 -0.96
C VAL A 22 26.42 14.84 -0.81
N HIS A 23 27.70 15.18 -0.76
CA HIS A 23 28.16 16.57 -0.59
C HIS A 23 27.63 17.17 0.71
N ALA A 24 27.62 16.37 1.77
CA ALA A 24 27.45 16.94 3.09
C ALA A 24 28.80 17.41 3.60
N VAL A 25 28.77 18.39 4.49
CA VAL A 25 30.00 18.99 4.99
C VAL A 25 29.97 18.97 6.51
N PRO A 26 31.14 19.01 7.14
CA PRO A 26 31.17 19.09 8.59
C PRO A 26 30.53 20.37 9.06
N ILE A 27 29.96 20.31 10.27
CA ILE A 27 29.31 21.48 10.85
C ILE A 27 30.34 22.56 11.12
N GLY A 28 31.58 22.16 11.35
CA GLY A 28 32.60 23.03 11.90
C GLY A 28 33.91 22.89 11.14
N SER A 29 34.99 23.16 11.86
CA SER A 29 36.33 23.26 11.29
C SER A 29 37.07 21.93 11.30
N VAL A 30 36.47 20.86 11.79
CA VAL A 30 37.13 19.57 11.92
C VAL A 30 36.69 18.66 10.78
N GLU A 31 37.67 18.07 10.10
CA GLU A 31 37.40 17.23 8.93
C GLU A 31 36.53 16.04 9.30
N VAL A 32 35.74 15.57 8.33
CA VAL A 32 34.85 14.43 8.60
C VAL A 32 35.69 13.19 8.87
N PRO A 33 35.43 12.48 9.95
CA PRO A 33 36.20 11.29 10.27
C PRO A 33 35.76 10.08 9.46
N ASP A 34 36.67 9.12 9.35
CA ASP A 34 36.35 7.79 8.86
C ASP A 34 35.79 6.94 10.00
N LEU A 35 34.65 7.41 10.52
CA LEU A 35 33.92 6.76 11.60
C LEU A 35 32.96 5.76 10.96
N HIS A 36 32.91 4.55 11.50
CA HIS A 36 32.06 3.52 10.91
C HIS A 36 30.60 3.76 11.29
N ILE A 37 29.74 3.84 10.27
CA ILE A 37 28.31 4.01 10.43
C ILE A 37 27.65 2.68 10.07
N SER A 38 26.86 2.14 10.99
CA SER A 38 26.20 0.84 10.77
C SER A 38 24.69 0.94 10.66
N GLY A 39 24.12 2.14 10.69
CA GLY A 39 22.69 2.31 10.54
C GLY A 39 22.37 3.78 10.43
N ILE A 40 21.12 4.06 10.06
CA ILE A 40 20.63 5.43 9.91
CA ILE A 40 20.65 5.43 9.94
C ILE A 40 19.17 5.47 10.35
N THR A 41 18.82 6.48 11.14
CA THR A 41 17.41 6.65 11.48
C THR A 41 17.09 8.12 11.69
N LEU A 42 15.81 8.44 11.48
CA LEU A 42 15.26 9.76 11.73
C LEU A 42 14.53 9.85 13.07
N ARG A 43 14.42 8.74 13.81
CA ARG A 43 13.65 8.69 15.04
C ARG A 43 14.59 8.38 16.19
N SER A 44 14.71 9.32 17.12
CA SER A 44 15.69 9.16 18.20
C SER A 44 15.43 7.90 19.00
N GLN A 45 14.17 7.51 19.21
CA GLN A 45 13.89 6.31 19.98
C GLN A 45 14.28 5.03 19.25
N ASP A 46 14.59 5.11 17.96
CA ASP A 46 15.10 3.96 17.21
C ASP A 46 16.61 4.01 17.04
N ALA A 47 17.28 5.01 17.61
CA ALA A 47 18.72 5.12 17.48
C ALA A 47 19.40 4.11 18.39
N ARG A 48 20.53 3.59 17.93
CA ARG A 48 21.27 2.56 18.65
C ARG A 48 22.73 2.66 18.24
N ARG A 49 23.56 1.88 18.93
CA ARG A 49 25.01 1.88 18.73
C ARG A 49 25.36 1.85 17.25
N GLY A 50 26.13 2.85 16.82
CA GLY A 50 26.66 2.89 15.48
C GLY A 50 25.86 3.69 14.48
N ASP A 51 24.74 4.28 14.89
CA ASP A 51 23.86 4.93 13.94
C ASP A 51 24.33 6.34 13.60
N LEU A 52 24.01 6.74 12.37
CA LEU A 52 23.91 8.14 12.00
C LEU A 52 22.47 8.57 12.26
N PHE A 53 22.29 9.56 13.12
CA PHE A 53 20.97 10.12 13.40
C PHE A 53 20.70 11.29 12.47
N ALA A 54 19.61 11.21 11.72
CA ALA A 54 19.20 12.30 10.84
C ALA A 54 18.23 13.18 11.61
N ALA A 55 18.69 14.38 11.95
CA ALA A 55 17.97 15.36 12.77
C ALA A 55 17.37 16.38 11.81
N LEU A 56 16.09 16.21 11.47
CA LEU A 56 15.52 16.96 10.37
C LEU A 56 14.38 17.86 10.85
N ALA A 57 14.13 18.91 10.08
CA ALA A 57 13.01 19.79 10.40
C ALA A 57 11.69 19.11 10.04
N GLY A 58 10.69 19.29 10.89
CA GLY A 58 9.41 18.62 10.71
C GLY A 58 8.25 19.49 11.14
N ALA A 59 7.17 18.84 11.56
CA ALA A 59 5.95 19.52 11.95
C ALA A 59 6.16 20.21 13.30
N SER A 60 6.30 21.54 13.28
CA SER A 60 6.41 22.35 14.49
C SER A 60 7.44 21.80 15.47
N ALA A 61 8.41 21.06 14.96
CA ALA A 61 9.48 20.50 15.78
C ALA A 61 10.67 20.18 14.88
N HIS A 62 11.85 20.18 15.47
CA HIS A 62 13.07 19.86 14.74
C HIS A 62 13.76 18.70 15.42
N GLY A 63 14.15 17.69 14.62
CA GLY A 63 14.84 16.54 15.16
C GLY A 63 16.12 16.87 15.88
N ALA A 64 16.72 18.04 15.62
CA ALA A 64 17.92 18.41 16.36
C ALA A 64 17.67 18.47 17.86
N ASP A 65 16.42 18.72 18.27
CA ASP A 65 16.11 18.74 19.70
C ASP A 65 16.23 17.36 20.33
N HIS A 66 16.25 16.31 19.52
CA HIS A 66 16.35 14.93 19.99
C HIS A 66 17.71 14.32 19.71
N ALA A 67 18.65 15.10 19.18
CA ALA A 67 19.94 14.54 18.79
C ALA A 67 20.74 14.09 19.99
N ALA A 68 20.70 14.86 21.09
CA ALA A 68 21.42 14.45 22.28
C ALA A 68 20.91 13.11 22.80
N ASP A 69 19.60 12.91 22.76
CA ASP A 69 19.04 11.63 23.17
CA ASP A 69 19.04 11.63 23.17
C ASP A 69 19.50 10.51 22.24
N ALA A 70 19.49 10.76 20.94
CA ALA A 70 19.93 9.73 20.00
C ALA A 70 21.38 9.33 20.25
N VAL A 71 22.23 10.31 20.49
CA VAL A 71 23.64 10.00 20.76
C VAL A 71 23.78 9.26 22.08
N ALA A 72 22.98 9.65 23.09
CA ALA A 72 23.02 8.93 24.37
C ALA A 72 22.61 7.47 24.20
N ARG A 73 21.74 7.18 23.25
CA ARG A 73 21.31 5.82 22.95
C ARG A 73 22.34 5.05 22.13
N GLY A 74 23.39 5.70 21.67
CA GLY A 74 24.45 5.04 20.94
C GLY A 74 24.71 5.56 19.54
N ALA A 75 23.91 6.49 19.00
CA ALA A 75 24.26 7.06 17.72
C ALA A 75 25.64 7.71 17.81
N VAL A 76 26.43 7.53 16.75
CA VAL A 76 27.81 8.01 16.74
C VAL A 76 28.01 9.27 15.91
N ALA A 77 26.99 9.71 15.17
CA ALA A 77 27.12 10.92 14.37
C ALA A 77 25.73 11.42 14.06
N VAL A 78 25.65 12.69 13.66
CA VAL A 78 24.39 13.34 13.33
C VAL A 78 24.49 13.98 11.96
N LEU A 79 23.42 13.87 11.17
CA LEU A 79 23.29 14.60 9.93
C LEU A 79 22.10 15.54 10.09
N THR A 80 22.29 16.82 9.79
CA THR A 80 21.21 17.77 9.98
C THR A 80 21.21 18.79 8.85
N ASP A 81 20.28 19.74 8.92
CA ASP A 81 20.22 20.85 8.00
C ASP A 81 20.77 22.12 8.65
N SER A 82 20.75 23.23 7.90
CA SER A 82 21.38 24.46 8.39
C SER A 82 20.74 24.95 9.67
N ALA A 83 19.40 24.87 9.74
CA ALA A 83 18.70 25.25 10.96
C ALA A 83 19.13 24.37 12.12
N GLY A 84 19.12 23.04 11.91
CA GLY A 84 19.54 22.15 12.96
C GLY A 84 20.96 22.41 13.44
N ALA A 85 21.82 22.89 12.53
CA ALA A 85 23.23 23.05 12.88
C ALA A 85 23.39 24.16 13.91
N THR A 86 22.78 25.31 13.64
CA THR A 86 22.84 26.42 14.57
C THR A 86 22.39 26.00 15.96
N ARG A 87 21.59 24.94 16.05
CA ARG A 87 21.07 24.47 17.32
C ARG A 87 21.87 23.32 17.92
N LEU A 88 22.72 22.68 17.14
CA LEU A 88 23.54 21.57 17.61
C LEU A 88 25.00 21.94 17.82
N ASP A 89 25.37 23.21 17.63
CA ASP A 89 26.76 23.63 17.74
C ASP A 89 27.32 23.36 19.14
N GLY A 90 28.23 22.39 19.24
CA GLY A 90 28.90 22.10 20.51
C GLY A 90 28.01 21.58 21.62
N THR A 91 26.94 20.86 21.29
CA THR A 91 26.01 20.34 22.28
C THR A 91 25.95 18.82 22.34
N VAL A 92 26.51 18.11 21.35
CA VAL A 92 26.47 16.65 21.34
C VAL A 92 27.88 16.11 21.19
N PRO A 93 28.24 15.04 21.90
CA PRO A 93 29.61 14.49 21.79
C PRO A 93 29.76 13.57 20.59
N ALA A 94 29.60 14.13 19.39
CA ALA A 94 29.64 13.31 18.18
C ALA A 94 29.81 14.23 16.99
N PRO A 95 30.39 13.75 15.89
CA PRO A 95 30.51 14.58 14.69
C PRO A 95 29.15 14.90 14.12
N VAL A 96 29.02 16.10 13.55
CA VAL A 96 27.79 16.56 12.92
C VAL A 96 28.09 16.97 11.49
N LEU A 97 27.25 16.50 10.57
CA LEU A 97 27.29 16.85 9.17
C LEU A 97 26.08 17.72 8.85
N VAL A 98 26.24 18.61 7.89
CA VAL A 98 25.18 19.51 7.45
CA VAL A 98 25.16 19.48 7.44
C VAL A 98 25.02 19.34 5.94
N HIS A 99 23.78 19.40 5.47
CA HIS A 99 23.46 19.21 4.07
C HIS A 99 22.35 20.19 3.72
N PRO A 100 22.29 20.66 2.47
CA PRO A 100 21.25 21.66 2.12
C PRO A 100 19.84 21.14 2.29
N ASN A 101 19.62 19.83 2.11
CA ASN A 101 18.27 19.29 2.17
C ASN A 101 18.37 17.78 2.38
N PRO A 102 18.69 17.37 3.61
CA PRO A 102 19.04 15.96 3.86
C PRO A 102 17.94 14.97 3.50
N ARG A 103 16.66 15.36 3.55
CA ARG A 103 15.60 14.43 3.20
C ARG A 103 15.78 13.86 1.80
N THR A 104 16.44 14.59 0.90
CA THR A 104 16.58 14.16 -0.47
C THR A 104 17.72 13.16 -0.67
N VAL A 105 18.53 12.93 0.36
CA VAL A 105 19.66 12.00 0.24
C VAL A 105 19.63 10.87 1.26
N LEU A 106 18.63 10.83 2.14
CA LEU A 106 18.62 9.76 3.15
C LEU A 106 18.53 8.38 2.53
N GLY A 107 17.78 8.25 1.43
CA GLY A 107 17.65 6.96 0.81
C GLY A 107 18.96 6.43 0.26
N GLU A 108 19.70 7.28 -0.44
CA GLU A 108 20.98 6.82 -0.99
C GLU A 108 22.01 6.61 0.11
N LEU A 109 21.98 7.40 1.18
CA LEU A 109 22.90 7.15 2.28
C LEU A 109 22.63 5.79 2.91
N ALA A 110 21.35 5.49 3.14
CA ALA A 110 20.97 4.21 3.74
C ALA A 110 21.29 3.05 2.82
N ALA A 111 21.10 3.24 1.50
CA ALA A 111 21.51 2.19 0.56
C ALA A 111 22.99 1.86 0.74
N THR A 112 23.85 2.87 0.87
CA THR A 112 25.26 2.60 1.07
C THR A 112 25.49 1.90 2.40
N VAL A 113 24.90 2.42 3.48
CA VAL A 113 25.15 1.86 4.82
C VAL A 113 24.72 0.41 4.90
N TYR A 114 23.59 0.07 4.27
CA TYR A 114 23.04 -1.28 4.38
C TYR A 114 23.48 -2.20 3.26
N GLY A 115 24.43 -1.78 2.43
CA GLY A 115 25.04 -2.68 1.47
C GLY A 115 24.27 -2.85 0.17
N ARG A 116 23.56 -1.80 -0.25
CA ARG A 116 22.82 -1.82 -1.51
C ARG A 116 21.92 -3.04 -1.64
N PRO A 117 20.99 -3.23 -0.70
CA PRO A 117 20.15 -4.44 -0.74
C PRO A 117 19.33 -4.59 -2.01
N ALA A 118 18.93 -3.49 -2.66
CA ALA A 118 18.16 -3.62 -3.89
C ALA A 118 19.00 -4.16 -5.04
N ASP A 119 20.31 -4.29 -4.86
CA ASP A 119 21.16 -4.98 -5.83
C ASP A 119 21.33 -6.45 -5.53
N ARG A 120 20.78 -6.94 -4.41
CA ARG A 120 20.88 -8.33 -4.01
C ARG A 120 19.62 -9.12 -4.31
N LEU A 121 18.58 -8.44 -4.78
CA LEU A 121 17.29 -9.08 -5.05
C LEU A 121 16.57 -8.23 -6.07
N ARG A 122 15.46 -8.74 -6.59
CA ARG A 122 14.67 -8.01 -7.57
C ARG A 122 13.49 -7.33 -6.87
N VAL A 123 13.42 -6.01 -6.95
CA VAL A 123 12.33 -5.24 -6.32
C VAL A 123 11.29 -4.87 -7.38
N ILE A 124 10.05 -5.27 -7.12
CA ILE A 124 8.89 -4.88 -7.90
C ILE A 124 8.14 -3.82 -7.10
N GLY A 125 7.91 -2.66 -7.69
CA GLY A 125 7.10 -1.62 -7.07
C GLY A 125 5.82 -1.44 -7.87
N ILE A 126 4.69 -1.34 -7.17
CA ILE A 126 3.39 -1.23 -7.83
C ILE A 126 2.72 0.05 -7.35
N THR A 127 2.34 0.91 -8.29
CA THR A 127 1.63 2.15 -7.98
C THR A 127 0.34 2.22 -8.78
N GLY A 128 -0.48 3.21 -8.44
CA GLY A 128 -1.81 3.37 -9.00
C GLY A 128 -2.79 3.69 -7.89
N THR A 129 -3.97 4.20 -8.27
CA THR A 129 -4.92 4.63 -7.25
C THR A 129 -5.47 3.44 -6.47
N SER A 130 -5.87 2.39 -7.18
CA SER A 130 -6.46 1.21 -6.55
C SER A 130 -5.81 -0.05 -7.12
N GLY A 131 -5.87 -1.12 -6.34
CA GLY A 131 -5.36 -2.41 -6.77
C GLY A 131 -3.91 -2.69 -6.42
N LYS A 132 -3.20 -1.75 -5.78
CA LYS A 132 -1.82 -2.00 -5.39
C LYS A 132 -1.74 -3.18 -4.44
N THR A 133 -2.61 -3.22 -3.43
CA THR A 133 -2.54 -4.26 -2.41
C THR A 133 -2.90 -5.62 -2.99
N THR A 134 -4.01 -5.72 -3.72
CA THR A 134 -4.41 -7.01 -4.29
C THR A 134 -3.34 -7.53 -5.24
N THR A 135 -2.85 -6.65 -6.12
CA THR A 135 -1.83 -7.10 -7.07
C THR A 135 -0.59 -7.59 -6.33
N ALA A 136 -0.18 -6.87 -5.28
CA ALA A 136 1.00 -7.26 -4.53
C ALA A 136 0.83 -8.62 -3.87
N TYR A 137 -0.34 -8.87 -3.25
CA TYR A 137 -0.58 -10.18 -2.65
C TYR A 137 -0.61 -11.29 -3.69
N LEU A 138 -1.17 -11.01 -4.87
CA LEU A 138 -1.16 -12.03 -5.92
C LEU A 138 0.26 -12.33 -6.38
N VAL A 139 1.11 -11.31 -6.49
CA VAL A 139 2.50 -11.53 -6.86
C VAL A 139 3.22 -12.36 -5.79
N GLU A 140 3.03 -12.00 -4.52
CA GLU A 140 3.67 -12.75 -3.45
CA GLU A 140 3.67 -12.75 -3.45
C GLU A 140 3.27 -14.22 -3.49
N ALA A 141 1.97 -14.49 -3.68
CA ALA A 141 1.51 -15.87 -3.71
C ALA A 141 2.06 -16.62 -4.92
N GLY A 142 2.17 -15.95 -6.07
CA GLY A 142 2.75 -16.58 -7.24
C GLY A 142 4.22 -16.91 -7.04
N LEU A 143 4.96 -16.00 -6.40
CA LEU A 143 6.36 -16.28 -6.12
C LEU A 143 6.50 -17.50 -5.21
N ARG A 144 5.70 -17.55 -4.15
CA ARG A 144 5.78 -18.70 -3.25
CA ARG A 144 5.74 -18.71 -3.24
C ARG A 144 5.43 -20.00 -3.97
N ALA A 145 4.40 -19.99 -4.81
CA ALA A 145 4.03 -21.21 -5.54
C ALA A 145 5.14 -21.65 -6.49
N ALA A 146 5.93 -20.72 -6.99
CA ALA A 146 7.05 -20.99 -7.87
C ALA A 146 8.32 -21.39 -7.13
N ASP A 147 8.25 -21.59 -5.81
CA ASP A 147 9.40 -21.95 -5.00
C ASP A 147 10.46 -20.85 -4.95
N ARG A 148 10.06 -19.61 -5.19
CA ARG A 148 10.90 -18.47 -4.92
C ARG A 148 10.63 -17.99 -3.50
N VAL A 149 11.54 -17.17 -2.99
CA VAL A 149 11.42 -16.68 -1.62
C VAL A 149 11.01 -15.21 -1.69
N PRO A 150 9.75 -14.87 -1.39
CA PRO A 150 9.31 -13.49 -1.60
C PRO A 150 9.29 -12.65 -0.32
N GLY A 151 9.42 -11.36 -0.50
CA GLY A 151 9.08 -10.40 0.53
C GLY A 151 7.94 -9.53 0.00
N LEU A 152 7.08 -9.09 0.92
CA LEU A 152 5.93 -8.27 0.60
CA LEU A 152 5.93 -8.27 0.59
C LEU A 152 5.88 -7.08 1.54
N ILE A 153 5.71 -5.88 0.99
CA ILE A 153 5.57 -4.65 1.77
C ILE A 153 4.31 -3.96 1.28
N GLY A 154 3.29 -3.87 2.13
CA GLY A 154 2.04 -3.27 1.72
C GLY A 154 1.30 -2.60 2.85
N THR A 155 0.11 -2.10 2.54
CA THR A 155 -0.62 -1.31 3.52
CA THR A 155 -0.70 -1.33 3.48
C THR A 155 -1.06 -2.14 4.72
N VAL A 156 -1.20 -3.46 4.58
CA VAL A 156 -1.64 -4.30 5.69
C VAL A 156 -0.47 -4.64 6.60
N GLY A 157 0.73 -4.74 6.06
CA GLY A 157 1.87 -5.19 6.83
C GLY A 157 2.95 -5.73 5.90
N VAL A 158 3.95 -6.33 6.52
CA VAL A 158 5.12 -6.87 5.84
C VAL A 158 5.18 -8.37 6.08
N ARG A 159 5.50 -9.13 5.04
CA ARG A 159 5.69 -10.56 5.14
C ARG A 159 7.01 -10.95 4.49
N ILE A 160 7.76 -11.86 5.11
CA ILE A 160 9.09 -12.24 4.63
C ILE A 160 9.18 -13.76 4.65
N ASP A 161 9.46 -14.35 3.50
CA ASP A 161 9.60 -15.81 3.42
C ASP A 161 8.40 -16.51 4.05
N GLY A 162 7.20 -16.00 3.74
CA GLY A 162 5.98 -16.61 4.22
C GLY A 162 5.60 -16.30 5.65
N MET A 163 6.40 -15.52 6.38
CA MET A 163 6.19 -15.24 7.80
C MET A 163 5.85 -13.75 7.99
N ASP A 164 4.76 -13.48 8.70
CA ASP A 164 4.47 -12.10 9.11
C ASP A 164 5.68 -11.50 9.79
N GLU A 165 5.94 -10.23 9.52
CA GLU A 165 7.03 -9.49 10.16
C GLU A 165 6.44 -8.27 10.88
N PRO A 166 5.93 -8.44 12.10
CA PRO A 166 5.30 -7.31 12.79
C PRO A 166 6.28 -6.25 13.24
N SER A 167 7.56 -6.54 13.26
CA SER A 167 8.55 -5.57 13.72
C SER A 167 9.00 -4.61 12.63
N ALA A 168 8.49 -4.76 11.41
CA ALA A 168 8.76 -3.84 10.32
C ALA A 168 7.59 -2.87 10.15
N LEU A 169 7.88 -1.72 9.55
CA LEU A 169 6.88 -0.68 9.36
C LEU A 169 6.14 -0.87 8.05
N THR A 170 4.84 -0.55 8.06
CA THR A 170 4.07 -0.63 6.82
C THR A 170 4.30 0.59 5.93
N THR A 171 4.63 1.73 6.52
CA THR A 171 4.91 2.96 5.77
CA THR A 171 4.91 2.96 5.77
C THR A 171 6.32 3.44 6.15
N PRO A 172 7.35 2.71 5.74
CA PRO A 172 8.71 3.10 6.09
C PRO A 172 9.14 4.40 5.41
N GLU A 173 9.98 5.16 6.11
CA GLU A 173 10.75 6.22 5.46
C GLU A 173 11.90 5.57 4.67
N ALA A 174 12.60 6.39 3.89
CA ALA A 174 13.62 5.79 3.01
C ALA A 174 14.65 4.97 3.77
N PRO A 175 15.23 5.43 4.89
CA PRO A 175 16.19 4.57 5.58
C PRO A 175 15.58 3.29 6.09
N ASP A 176 14.35 3.35 6.62
CA ASP A 176 13.65 2.15 7.07
C ASP A 176 13.48 1.15 5.94
N LEU A 177 13.14 1.64 4.75
CA LEU A 177 12.95 0.73 3.63
C LEU A 177 14.26 0.04 3.25
N GLN A 178 15.36 0.78 3.17
CA GLN A 178 16.64 0.15 2.85
C GLN A 178 16.99 -0.91 3.90
N ALA A 179 16.79 -0.59 5.19
CA ALA A 179 17.05 -1.58 6.22
C ALA A 179 16.20 -2.82 6.02
N LEU A 180 14.91 -2.63 5.71
CA LEU A 180 14.01 -3.75 5.52
C LEU A 180 14.42 -4.60 4.32
N LEU A 181 14.81 -3.95 3.21
CA LEU A 181 15.28 -4.71 2.07
C LEU A 181 16.52 -5.54 2.42
N ALA A 182 17.40 -4.97 3.25
CA ALA A 182 18.59 -5.70 3.66
C ALA A 182 18.23 -6.90 4.54
N VAL A 183 17.26 -6.71 5.45
CA VAL A 183 16.75 -7.83 6.25
C VAL A 183 16.21 -8.91 5.32
N MET A 184 15.43 -8.51 4.32
CA MET A 184 14.87 -9.49 3.39
C MET A 184 15.97 -10.26 2.69
N ALA A 185 16.98 -9.57 2.17
CA ALA A 185 18.06 -10.26 1.49
C ALA A 185 18.77 -11.22 2.43
N ASP A 186 19.00 -10.80 3.68
CA ASP A 186 19.67 -11.67 4.65
C ASP A 186 18.86 -12.92 4.92
N ARG A 187 17.54 -12.81 4.86
CA ARG A 187 16.64 -13.94 5.10
CA ARG A 187 16.65 -13.93 5.10
C ARG A 187 16.37 -14.75 3.84
N GLY A 188 17.10 -14.48 2.76
CA GLY A 188 17.00 -15.31 1.58
C GLY A 188 16.00 -14.86 0.54
N VAL A 189 15.37 -13.71 0.74
CA VAL A 189 14.39 -13.23 -0.24
C VAL A 189 15.09 -12.95 -1.56
N ASP A 190 14.51 -13.44 -2.66
CA ASP A 190 15.06 -13.15 -3.97
C ASP A 190 14.26 -12.11 -4.73
N THR A 191 12.98 -11.92 -4.35
CA THR A 191 12.10 -10.97 -5.02
C THR A 191 11.23 -10.29 -3.97
N VAL A 192 11.20 -8.97 -3.98
CA VAL A 192 10.35 -8.17 -3.10
C VAL A 192 9.27 -7.55 -3.97
N VAL A 193 8.01 -7.63 -3.53
CA VAL A 193 6.93 -6.87 -4.14
C VAL A 193 6.42 -5.87 -3.11
N MET A 194 6.37 -4.60 -3.51
CA MET A 194 5.99 -3.55 -2.58
C MET A 194 5.03 -2.56 -3.25
N GLU A 195 4.07 -2.08 -2.46
CA GLU A 195 3.26 -0.95 -2.91
C GLU A 195 4.11 0.31 -2.87
N VAL A 196 3.98 1.13 -3.91
CA VAL A 196 4.67 2.41 -3.97
C VAL A 196 3.60 3.47 -4.14
N SER A 197 3.36 4.27 -3.11
CA SER A 197 2.29 5.25 -3.18
C SER A 197 2.80 6.55 -3.82
N SER A 198 1.84 7.36 -4.27
CA SER A 198 2.20 8.68 -4.80
C SER A 198 2.84 9.54 -3.71
N HIS A 199 2.45 9.36 -2.44
CA HIS A 199 3.12 10.04 -1.34
C HIS A 199 4.59 9.65 -1.28
N ALA A 200 4.86 8.34 -1.32
CA ALA A 200 6.24 7.89 -1.24
C ALA A 200 7.08 8.50 -2.36
N LEU A 201 6.55 8.52 -3.59
CA LEU A 201 7.31 9.07 -4.72
C LEU A 201 7.44 10.58 -4.67
N SER A 202 6.59 11.26 -3.91
CA SER A 202 6.69 12.71 -3.76
C SER A 202 7.57 13.11 -2.59
N LEU A 203 7.77 12.23 -1.62
CA LEU A 203 8.44 12.59 -0.37
C LEU A 203 9.76 11.84 -0.18
N HIS A 204 10.35 11.34 -1.27
CA HIS A 204 11.69 10.76 -1.26
C HIS A 204 11.78 9.44 -0.52
N ARG A 205 10.64 8.79 -0.28
CA ARG A 205 10.62 7.59 0.55
C ARG A 205 11.12 6.35 -0.16
N VAL A 206 11.18 6.33 -1.48
CA VAL A 206 11.76 5.21 -2.20
C VAL A 206 13.06 5.59 -2.91
N ASP A 207 13.65 6.72 -2.54
CA ASP A 207 14.96 7.08 -3.04
C ASP A 207 15.99 6.03 -2.64
N GLY A 208 16.88 5.72 -3.58
CA GLY A 208 17.90 4.72 -3.35
C GLY A 208 17.49 3.31 -3.68
N VAL A 209 16.25 3.10 -4.08
CA VAL A 209 15.78 1.76 -4.45
C VAL A 209 15.98 1.57 -5.94
N ARG A 210 16.70 0.52 -6.31
CA ARG A 210 16.72 0.09 -7.71
CA ARG A 210 16.72 0.10 -7.71
C ARG A 210 15.50 -0.78 -7.94
N PHE A 211 14.52 -0.26 -8.68
CA PHE A 211 13.33 -1.04 -9.00
C PHE A 211 13.60 -1.86 -10.25
N ALA A 212 13.58 -3.18 -10.12
CA ALA A 212 13.69 -4.05 -11.31
C ALA A 212 12.47 -3.88 -12.21
N VAL A 213 11.29 -3.81 -11.61
CA VAL A 213 10.03 -3.75 -12.37
C VAL A 213 9.12 -2.78 -11.65
N GLY A 214 8.45 -1.94 -12.42
CA GLY A 214 7.40 -1.07 -11.88
C GLY A 214 6.08 -1.44 -12.55
N GLY A 215 5.02 -1.48 -11.75
CA GLY A 215 3.69 -1.78 -12.25
C GLY A 215 2.77 -0.61 -12.01
N PHE A 216 1.81 -0.42 -12.92
CA PHE A 216 0.83 0.66 -12.82
C PHE A 216 -0.56 0.06 -12.99
N THR A 217 -1.44 0.28 -12.01
CA THR A 217 -2.81 -0.22 -12.07
C THR A 217 -3.76 0.71 -12.80
N ASN A 218 -3.91 1.95 -12.32
CA ASN A 218 -4.92 2.87 -12.81
C ASN A 218 -4.73 4.19 -12.07
N LEU A 219 -5.44 5.23 -12.53
CA LEU A 219 -5.53 6.49 -11.80
C LEU A 219 -6.96 6.99 -11.80
N SER A 220 -7.43 7.42 -10.64
CA SER A 220 -8.70 8.13 -10.53
C SER A 220 -8.53 9.19 -9.44
N ARG A 221 -9.55 9.99 -9.21
CA ARG A 221 -9.37 11.13 -8.32
C ARG A 221 -9.15 10.65 -6.88
N ASP A 222 -8.02 11.04 -6.31
CA ASP A 222 -7.68 10.70 -4.94
C ASP A 222 -6.51 11.60 -4.54
N HIS A 223 -6.32 11.73 -3.23
CA HIS A 223 -5.13 12.37 -2.68
C HIS A 223 -4.96 13.82 -3.10
N LEU A 224 -6.06 14.50 -3.42
CA LEU A 224 -5.98 15.91 -3.79
C LEU A 224 -5.95 16.84 -2.58
N ASP A 225 -5.94 16.28 -1.38
CA ASP A 225 -5.57 17.05 -0.18
C ASP A 225 -4.07 17.12 -0.01
N PHE A 226 -3.31 16.38 -0.81
CA PHE A 226 -1.87 16.39 -0.78
C PHE A 226 -1.29 16.91 -2.09
N HIS A 227 -1.71 16.36 -3.22
CA HIS A 227 -1.36 16.89 -4.52
C HIS A 227 -2.30 18.03 -4.86
N PRO A 228 -1.80 19.18 -5.32
CA PRO A 228 -2.72 20.30 -5.64
C PRO A 228 -3.69 19.98 -6.74
N THR A 229 -3.30 19.20 -7.74
CA THR A 229 -4.19 18.89 -8.86
C THR A 229 -3.98 17.46 -9.31
N MET A 230 -4.92 16.98 -10.12
CA MET A 230 -4.75 15.66 -10.72
C MET A 230 -3.44 15.56 -11.51
N ALA A 231 -3.01 16.65 -12.15
CA ALA A 231 -1.77 16.59 -12.92
C ALA A 231 -0.56 16.37 -12.03
N ASP A 232 -0.57 16.93 -10.82
CA ASP A 232 0.53 16.66 -9.89
C ASP A 232 0.49 15.23 -9.39
N TYR A 233 -0.71 14.70 -9.15
CA TYR A 233 -0.90 13.32 -8.73
C TYR A 233 -0.37 12.35 -9.79
N PHE A 234 -0.79 12.54 -11.04
CA PHE A 234 -0.26 11.72 -12.14
C PHE A 234 1.27 11.84 -12.21
N ALA A 235 1.78 13.07 -12.15
CA ALA A 235 3.22 13.27 -12.28
C ALA A 235 3.98 12.58 -11.16
N ALA A 236 3.41 12.50 -9.97
CA ALA A 236 4.09 11.81 -8.88
C ALA A 236 4.24 10.32 -9.21
N ALA A 238 4.20 9.02 -12.11
CA ALA A 238 5.01 8.88 -13.31
C ALA A 238 6.50 8.76 -12.99
N ARG A 239 6.90 9.19 -11.79
CA ARG A 239 8.31 9.08 -11.39
C ARG A 239 8.80 7.63 -11.36
N LEU A 240 7.90 6.65 -11.28
CA LEU A 240 8.32 5.25 -11.30
C LEU A 240 8.61 4.75 -12.71
N PHE A 241 8.23 5.52 -13.74
CA PHE A 241 8.32 5.07 -15.12
C PHE A 241 9.06 6.03 -16.04
N ASP A 242 9.40 7.22 -15.56
CA ASP A 242 10.03 8.24 -16.40
C ASP A 242 11.52 7.96 -16.49
N PRO A 243 12.07 7.72 -17.68
CA PRO A 243 13.51 7.39 -17.77
C PRO A 243 14.42 8.48 -17.22
N GLN A 244 13.94 9.72 -17.11
CA GLN A 244 14.74 10.81 -16.55
C GLN A 244 14.71 10.87 -15.03
N ALA A 245 13.85 10.09 -14.38
CA ALA A 245 13.74 10.17 -12.93
C ALA A 245 14.64 9.13 -12.28
N PRO A 246 15.28 9.47 -11.17
CA PRO A 246 16.15 8.48 -10.49
C PRO A 246 15.38 7.30 -9.93
N THR A 247 14.08 7.44 -9.73
CA THR A 247 13.24 6.35 -9.23
C THR A 247 12.73 5.44 -10.34
N CYS A 248 13.12 5.67 -11.59
CA CYS A 248 12.54 4.93 -12.70
C CYS A 248 12.87 3.44 -12.59
N ALA A 249 11.86 2.60 -12.81
CA ALA A 249 12.07 1.17 -12.84
C ALA A 249 12.74 0.72 -14.14
N GLU A 250 13.44 -0.41 -14.08
CA GLU A 250 14.15 -0.88 -15.26
C GLU A 250 13.21 -1.41 -16.33
N ARG A 251 12.08 -1.98 -15.92
CA ARG A 251 11.03 -2.41 -16.83
C ARG A 251 9.70 -1.88 -16.30
N SER A 252 8.85 -1.39 -17.19
CA SER A 252 7.57 -0.80 -16.82
C SER A 252 6.47 -1.71 -17.32
N VAL A 253 5.60 -2.17 -16.42
CA VAL A 253 4.49 -3.02 -16.77
C VAL A 253 3.22 -2.24 -16.42
N ILE A 254 2.50 -1.80 -17.44
CA ILE A 254 1.50 -0.74 -17.27
C ILE A 254 0.15 -1.21 -17.77
N CYS A 255 -0.85 -1.16 -16.89
CA CYS A 255 -2.22 -1.43 -17.32
CA CYS A 255 -2.23 -1.41 -17.32
C CYS A 255 -2.75 -0.21 -18.09
N ILE A 256 -3.28 -0.46 -19.27
CA ILE A 256 -3.72 0.63 -20.16
C ILE A 256 -5.24 0.70 -20.26
N ASP A 257 -5.94 0.27 -19.22
CA ASP A 257 -7.40 0.22 -19.24
C ASP A 257 -8.05 1.55 -18.86
N ASP A 258 -7.26 2.60 -18.65
CA ASP A 258 -7.81 3.94 -18.43
C ASP A 258 -6.88 4.96 -19.07
N GLU A 259 -7.33 6.23 -19.09
CA GLU A 259 -6.57 7.27 -19.78
C GLU A 259 -5.19 7.45 -19.15
N ALA A 260 -5.10 7.40 -17.82
CA ALA A 260 -3.81 7.59 -17.18
C ALA A 260 -2.83 6.48 -17.58
N GLY A 261 -3.32 5.24 -17.61
CA GLY A 261 -2.44 4.14 -18.01
C GLY A 261 -1.91 4.28 -19.42
N ARG A 262 -2.78 4.68 -20.34
CA ARG A 262 -2.34 4.91 -21.71
C ARG A 262 -1.29 6.02 -21.78
N ALA A 263 -1.47 7.10 -21.00
CA ALA A 263 -0.48 8.16 -21.01
C ALA A 263 0.82 7.71 -20.35
N MET A 264 0.71 6.92 -19.28
CA MET A 264 1.92 6.40 -18.63
C MET A 264 2.72 5.54 -19.59
N LEU A 265 2.03 4.70 -20.37
CA LEU A 265 2.73 3.82 -21.30
C LEU A 265 3.49 4.62 -22.35
N ALA A 266 2.91 5.72 -22.83
CA ALA A 266 3.48 6.47 -23.94
C ALA A 266 4.85 7.03 -23.61
N GLY A 267 5.11 7.35 -22.34
CA GLY A 267 6.38 7.91 -21.93
C GLY A 267 7.26 7.01 -21.11
N ALA A 268 6.92 5.72 -20.96
CA ALA A 268 7.53 4.88 -19.94
C ALA A 268 8.81 4.22 -20.42
N HIS A 269 9.70 3.93 -19.47
CA HIS A 269 10.93 3.22 -19.77
C HIS A 269 10.62 1.74 -19.97
N ARG A 270 11.02 1.19 -21.14
CA ARG A 270 10.90 -0.22 -21.46
C ARG A 270 9.51 -0.74 -21.12
N PRO A 271 8.48 -0.27 -21.82
CA PRO A 271 7.10 -0.56 -21.44
C PRO A 271 6.60 -1.92 -21.93
N VAL A 272 5.80 -2.55 -21.07
CA VAL A 272 4.99 -3.71 -21.39
C VAL A 272 3.56 -3.31 -21.04
N SER A 273 2.63 -3.45 -22.00
CA SER A 273 1.25 -3.05 -21.74
C SER A 273 0.40 -4.26 -21.35
N VAL A 274 -0.61 -3.99 -20.49
CA VAL A 274 -1.52 -5.02 -20.00
C VAL A 274 -2.95 -4.49 -20.10
N SER A 275 -3.88 -5.32 -20.59
CA SER A 275 -5.27 -4.89 -20.68
C SER A 275 -6.23 -6.03 -20.35
N ALA A 276 -7.14 -5.78 -19.41
CA ALA A 276 -8.24 -6.69 -19.13
C ALA A 276 -9.58 -6.14 -19.56
N THR A 277 -9.60 -5.10 -20.42
CA THR A 277 -10.86 -4.58 -20.94
C THR A 277 -10.97 -4.77 -22.44
N GLY A 278 -10.21 -5.70 -23.00
CA GLY A 278 -10.34 -6.03 -24.40
C GLY A 278 -9.45 -5.25 -25.35
N GLN A 279 -8.63 -4.33 -24.86
CA GLN A 279 -7.82 -3.50 -25.76
C GLN A 279 -6.54 -4.23 -26.15
N ARG A 280 -5.96 -3.81 -27.26
CA ARG A 280 -4.70 -4.39 -27.73
C ARG A 280 -3.59 -4.06 -26.74
N ALA A 281 -2.88 -5.09 -26.30
CA ALA A 281 -1.81 -4.92 -25.31
C ALA A 281 -0.90 -6.13 -25.40
N ASP A 282 0.28 -5.99 -24.80
CA ASP A 282 1.22 -7.11 -24.81
C ASP A 282 0.65 -8.31 -24.07
N TRP A 283 0.00 -8.08 -22.94
CA TRP A 283 -0.71 -9.10 -22.18
C TRP A 283 -2.19 -8.73 -22.17
N VAL A 284 -3.05 -9.71 -22.46
CA VAL A 284 -4.49 -9.48 -22.38
C VAL A 284 -5.13 -10.63 -21.62
N ALA A 285 -6.27 -10.34 -21.00
CA ALA A 285 -7.13 -11.36 -20.42
C ALA A 285 -8.27 -11.61 -21.39
N GLU A 286 -8.68 -12.86 -21.50
CA GLU A 286 -9.81 -13.21 -22.35
C GLU A 286 -10.53 -14.41 -21.77
N ASP A 287 -11.73 -14.70 -22.31
CA ASP A 287 -12.48 -15.91 -21.96
C ASP A 287 -12.74 -16.00 -20.45
N VAL A 288 -13.28 -14.93 -19.87
CA VAL A 288 -13.52 -14.86 -18.43
C VAL A 288 -14.78 -15.66 -18.10
N ARG A 289 -14.66 -16.58 -17.14
CA ARG A 289 -15.77 -17.47 -16.82
C ARG A 289 -16.04 -17.52 -15.33
N PHE A 290 -17.32 -17.61 -14.99
CA PHE A 290 -17.75 -17.78 -13.61
C PHE A 290 -17.16 -19.06 -13.05
N ALA A 291 -16.66 -19.00 -11.83
CA ALA A 291 -16.05 -20.16 -11.19
C ALA A 291 -16.51 -20.31 -9.75
N GLY A 292 -17.75 -19.92 -9.47
CA GLY A 292 -18.24 -19.91 -8.12
C GLY A 292 -18.17 -18.52 -7.53
N PRO A 293 -18.67 -18.35 -6.31
CA PRO A 293 -18.80 -17.01 -5.75
C PRO A 293 -17.48 -16.31 -5.47
N THR A 294 -16.40 -17.04 -5.25
CA THR A 294 -15.15 -16.43 -4.81
C THR A 294 -13.98 -16.77 -5.73
N ALA A 295 -14.24 -17.10 -6.99
CA ALA A 295 -13.17 -17.42 -7.91
C ALA A 295 -13.62 -17.09 -9.32
N GLN A 296 -12.66 -16.76 -10.17
CA GLN A 296 -12.94 -16.45 -11.57
C GLN A 296 -11.86 -17.09 -12.42
N ASP A 297 -12.28 -17.76 -13.49
CA ASP A 297 -11.34 -18.35 -14.44
C ASP A 297 -11.17 -17.40 -15.62
N PHE A 298 -9.96 -17.36 -16.16
CA PHE A 298 -9.68 -16.52 -17.32
C PHE A 298 -8.43 -17.05 -18.01
N THR A 299 -8.19 -16.56 -19.21
CA THR A 299 -6.99 -16.89 -19.95
C THR A 299 -6.11 -15.65 -20.04
N ALA A 300 -4.86 -15.78 -19.63
CA ALA A 300 -3.89 -14.72 -19.82
C ALA A 300 -3.10 -15.03 -21.08
N VAL A 301 -3.06 -14.08 -22.02
CA VAL A 301 -2.34 -14.25 -23.28
C VAL A 301 -1.07 -13.43 -23.19
N ASP A 302 0.08 -14.08 -23.36
CA ASP A 302 1.36 -13.39 -23.23
C ASP A 302 1.87 -12.91 -24.58
N PRO A 303 2.91 -12.08 -24.58
CA PRO A 303 3.36 -11.47 -25.85
C PRO A 303 3.91 -12.47 -26.85
N ALA A 304 4.30 -13.67 -26.38
CA ALA A 304 4.75 -14.71 -27.28
C ALA A 304 3.61 -15.44 -27.97
N GLY A 305 2.37 -15.18 -27.58
CA GLY A 305 1.23 -15.87 -28.16
C GLY A 305 0.73 -17.05 -27.36
N VAL A 306 1.27 -17.30 -26.19
CA VAL A 306 0.86 -18.45 -25.39
C VAL A 306 -0.34 -18.08 -24.53
N ARG A 307 -1.36 -18.94 -24.55
CA ARG A 307 -2.57 -18.79 -23.75
C ARG A 307 -2.44 -19.62 -22.47
N HIS A 308 -2.56 -18.96 -21.33
CA HIS A 308 -2.44 -19.60 -20.03
C HIS A 308 -3.80 -19.58 -19.34
N ARG A 309 -4.38 -20.75 -19.10
CA ARG A 309 -5.65 -20.81 -18.39
C ARG A 309 -5.40 -20.71 -16.89
N LEU A 310 -5.99 -19.71 -16.24
CA LEU A 310 -5.71 -19.42 -14.85
C LEU A 310 -7.01 -19.25 -14.06
N ARG A 311 -6.88 -19.33 -12.74
CA ARG A 311 -7.95 -19.02 -11.82
C ARG A 311 -7.45 -18.01 -10.80
N VAL A 312 -8.17 -16.92 -10.61
CA VAL A 312 -7.93 -16.02 -9.48
C VAL A 312 -8.95 -16.32 -8.41
N GLY A 313 -8.47 -16.60 -7.21
CA GLY A 313 -9.35 -16.99 -6.11
C GLY A 313 -9.94 -15.82 -5.34
N LEU A 314 -10.43 -14.82 -6.07
CA LEU A 314 -11.08 -13.64 -5.52
C LEU A 314 -12.34 -13.35 -6.30
N PRO A 315 -13.36 -12.81 -5.65
CA PRO A 315 -14.51 -12.26 -6.38
C PRO A 315 -14.16 -10.87 -6.93
N GLY A 316 -15.07 -10.35 -7.73
CA GLY A 316 -14.94 -8.99 -8.25
C GLY A 316 -14.30 -8.91 -9.62
N ARG A 317 -15.02 -8.31 -10.58
CA ARG A 317 -14.58 -8.32 -11.96
C ARG A 317 -13.24 -7.63 -12.14
N PHE A 318 -12.98 -6.56 -11.40
CA PHE A 318 -11.72 -5.84 -11.54
CA PHE A 318 -11.72 -5.86 -11.60
C PHE A 318 -10.52 -6.62 -11.03
N ASN A 319 -10.76 -7.74 -10.33
CA ASN A 319 -9.65 -8.58 -9.93
C ASN A 319 -9.08 -9.39 -11.07
N ILE A 320 -9.77 -9.46 -12.21
CA ILE A 320 -9.13 -9.99 -13.41
C ILE A 320 -7.96 -9.10 -13.81
N ALA A 321 -8.19 -7.79 -13.82
CA ALA A 321 -7.12 -6.85 -14.16
C ALA A 321 -5.97 -6.95 -13.16
N ASN A 322 -6.29 -7.03 -11.87
CA ASN A 322 -5.21 -7.14 -10.90
C ASN A 322 -4.45 -8.44 -11.08
N CYS A 323 -5.15 -9.54 -11.35
CA CYS A 323 -4.45 -10.80 -11.54
C CYS A 323 -3.62 -10.79 -12.82
N LEU A 324 -4.15 -10.19 -13.88
CA LEU A 324 -3.39 -10.12 -15.13
C LEU A 324 -2.12 -9.28 -14.95
N LEU A 325 -2.24 -8.15 -14.25
CA LEU A 325 -1.03 -7.38 -13.94
C LEU A 325 -0.06 -8.19 -13.11
N ALA A 326 -0.56 -8.93 -12.11
CA ALA A 326 0.33 -9.75 -11.30
C ALA A 326 1.07 -10.76 -12.15
N VAL A 327 0.37 -11.38 -13.10
CA VAL A 327 0.99 -12.37 -13.97
C VAL A 327 2.08 -11.74 -14.83
N ALA A 328 1.83 -10.54 -15.36
CA ALA A 328 2.84 -9.88 -16.18
C ALA A 328 4.03 -9.44 -15.34
N LEU A 329 3.79 -8.97 -14.10
CA LEU A 329 4.90 -8.64 -13.21
C LEU A 329 5.71 -9.89 -12.84
N LEU A 330 5.02 -11.01 -12.56
CA LEU A 330 5.70 -12.26 -12.25
C LEU A 330 6.57 -12.70 -13.42
N ASP A 331 6.02 -12.62 -14.64
CA ASP A 331 6.80 -12.98 -15.81
C ASP A 331 8.05 -12.12 -15.91
N ALA A 332 7.95 -10.84 -15.55
CA ALA A 332 9.08 -9.91 -15.65
C ALA A 332 10.18 -10.21 -14.64
N VAL A 333 9.91 -11.02 -13.63
CA VAL A 333 10.93 -11.52 -12.72
C VAL A 333 11.16 -13.02 -12.87
N GLY A 334 10.69 -13.63 -13.95
CA GLY A 334 11.06 -14.99 -14.27
C GLY A 334 10.17 -16.07 -13.70
N VAL A 335 8.94 -15.75 -13.32
CA VAL A 335 7.97 -16.75 -12.87
C VAL A 335 6.92 -16.93 -13.96
N SER A 336 6.77 -18.17 -14.41
CA SER A 336 5.80 -18.43 -15.48
C SER A 336 4.39 -18.50 -14.94
N PRO A 337 3.38 -18.28 -15.79
CA PRO A 337 2.00 -18.40 -15.29
C PRO A 337 1.70 -19.77 -14.70
N ALA A 338 2.24 -20.84 -15.29
CA ALA A 338 1.97 -22.17 -14.76
C ALA A 338 2.58 -22.35 -13.38
N GLN A 339 3.78 -21.79 -13.15
CA GLN A 339 4.40 -21.89 -11.84
C GLN A 339 3.62 -21.09 -10.80
N ALA A 340 3.10 -19.93 -11.19
CA ALA A 340 2.39 -19.06 -10.28
C ALA A 340 0.97 -19.53 -10.02
N ALA A 341 0.39 -20.32 -10.92
CA ALA A 341 -1.05 -20.58 -10.90
C ALA A 341 -1.57 -21.09 -9.56
N PRO A 342 -0.91 -22.03 -8.87
CA PRO A 342 -1.46 -22.47 -7.58
C PRO A 342 -1.55 -21.37 -6.55
N GLY A 343 -0.63 -20.40 -6.60
CA GLY A 343 -0.72 -19.27 -5.69
C GLY A 343 -1.84 -18.32 -6.06
N LEU A 344 -2.03 -18.08 -7.36
CA LEU A 344 -3.09 -17.16 -7.76
C LEU A 344 -4.45 -17.70 -7.37
N ARG A 345 -4.60 -19.03 -7.37
CA ARG A 345 -5.86 -19.68 -7.07
C ARG A 345 -6.20 -19.60 -5.58
N THR A 346 -5.18 -19.52 -4.71
CA THR A 346 -5.38 -19.62 -3.27
C THR A 346 -5.06 -18.36 -2.48
N ALA A 347 -4.51 -17.33 -3.11
CA ALA A 347 -4.13 -16.13 -2.39
C ALA A 347 -5.34 -15.51 -1.70
N THR A 348 -5.11 -14.92 -0.53
CA THR A 348 -6.13 -14.15 0.17
C THR A 348 -5.57 -12.75 0.41
N VAL A 349 -6.43 -11.74 0.26
CA VAL A 349 -5.99 -10.35 0.41
C VAL A 349 -6.74 -9.73 1.59
N PRO A 350 -6.07 -9.43 2.70
CA PRO A 350 -6.79 -8.92 3.88
C PRO A 350 -7.52 -7.62 3.55
N GLY A 351 -8.83 -7.63 3.79
CA GLY A 351 -9.64 -6.43 3.67
C GLY A 351 -9.94 -5.94 2.26
N ARG A 352 -9.56 -6.69 1.22
CA ARG A 352 -9.80 -6.28 -0.17
C ARG A 352 -10.68 -7.37 -0.79
N LEU A 353 -11.99 -7.10 -0.88
CA LEU A 353 -12.98 -8.11 -1.31
C LEU A 353 -12.70 -9.46 -0.64
N GLU A 354 -12.61 -9.41 0.69
CA GLU A 354 -12.24 -10.58 1.48
C GLU A 354 -13.49 -11.30 1.94
N PRO A 355 -13.79 -12.48 1.42
CA PRO A 355 -15.01 -13.18 1.84
C PRO A 355 -14.86 -13.79 3.22
N VAL A 356 -16.00 -13.92 3.89
CA VAL A 356 -16.10 -14.63 5.15
C VAL A 356 -17.13 -15.74 4.94
N ASP A 357 -16.72 -16.99 5.18
CA ASP A 357 -17.58 -18.14 4.95
C ASP A 357 -17.87 -18.80 6.30
N ARG A 358 -19.12 -18.73 6.73
CA ARG A 358 -19.59 -19.47 7.88
C ARG A 358 -20.74 -20.40 7.48
N GLY A 359 -20.75 -20.86 6.23
CA GLY A 359 -21.72 -21.83 5.77
C GLY A 359 -22.99 -21.24 5.18
N GLN A 360 -23.08 -19.92 5.08
CA GLN A 360 -24.29 -19.29 4.58
C GLN A 360 -24.38 -19.44 3.06
N ASP A 361 -25.59 -19.22 2.53
CA ASP A 361 -25.85 -19.42 1.12
C ASP A 361 -25.75 -18.14 0.29
N PHE A 362 -25.04 -17.14 0.80
CA PHE A 362 -24.79 -15.91 0.07
C PHE A 362 -23.35 -15.48 0.29
N LEU A 363 -22.89 -14.58 -0.57
CA LEU A 363 -21.54 -14.06 -0.49
C LEU A 363 -21.49 -12.90 0.48
N ALA A 364 -20.58 -12.96 1.44
CA ALA A 364 -20.43 -11.94 2.47
C ALA A 364 -18.97 -11.52 2.52
N LEU A 365 -18.69 -10.24 2.35
CA LEU A 365 -17.29 -9.86 2.26
C LEU A 365 -17.04 -8.49 2.83
N VAL A 366 -15.76 -8.24 3.07
CA VAL A 366 -15.26 -6.99 3.65
C VAL A 366 -14.38 -6.31 2.62
N ASP A 367 -14.52 -5.00 2.49
CA ASP A 367 -13.66 -4.25 1.59
C ASP A 367 -13.28 -2.91 2.19
N TYR A 368 -12.07 -2.45 1.82
CA TYR A 368 -11.47 -1.23 2.36
C TYR A 368 -12.08 0.05 1.78
N ALA A 369 -12.75 -0.03 0.63
CA ALA A 369 -13.17 1.19 -0.08
C ALA A 369 -13.86 2.16 0.86
N HIS A 370 -13.34 3.40 0.90
CA HIS A 370 -13.88 4.40 1.83
C HIS A 370 -13.99 5.77 1.18
N LYS A 371 -13.94 5.82 -0.15
CA LYS A 371 -14.08 7.04 -0.92
C LYS A 371 -15.00 6.74 -2.09
N PRO A 372 -15.64 7.76 -2.66
CA PRO A 372 -16.67 7.51 -3.66
C PRO A 372 -16.19 6.75 -4.89
N GLY A 373 -15.01 7.09 -5.41
CA GLY A 373 -14.52 6.41 -6.61
C GLY A 373 -14.28 4.93 -6.38
N ALA A 374 -13.58 4.61 -5.28
CA ALA A 374 -13.33 3.21 -4.96
C ALA A 374 -14.61 2.46 -4.63
N LEU A 375 -15.53 3.12 -3.91
CA LEU A 375 -16.80 2.47 -3.59
C LEU A 375 -17.60 2.18 -4.84
N SER A 376 -17.65 3.13 -5.78
CA SER A 376 -18.34 2.89 -7.05
CA SER A 376 -18.35 2.88 -7.03
C SER A 376 -17.72 1.71 -7.77
N ALA A 377 -16.39 1.65 -7.82
CA ALA A 377 -15.72 0.58 -8.55
C ALA A 377 -16.01 -0.79 -7.92
N VAL A 378 -15.93 -0.89 -6.60
CA VAL A 378 -16.13 -2.19 -5.97
C VAL A 378 -17.58 -2.65 -6.11
N LEU A 379 -18.53 -1.73 -6.00
CA LEU A 379 -19.92 -2.09 -6.26
C LEU A 379 -20.11 -2.53 -7.71
N ASP A 380 -19.50 -1.82 -8.67
CA ASP A 380 -19.57 -2.27 -10.06
C ASP A 380 -18.90 -3.62 -10.24
N SER A 381 -17.79 -3.85 -9.54
CA SER A 381 -17.04 -5.10 -9.66
CA SER A 381 -17.05 -5.09 -9.68
C SER A 381 -17.88 -6.29 -9.22
N LEU A 382 -18.80 -6.08 -8.29
CA LEU A 382 -19.66 -7.15 -7.79
C LEU A 382 -20.96 -7.29 -8.57
N ARG A 383 -21.21 -6.40 -9.52
CA ARG A 383 -22.39 -6.53 -10.38
C ARG A 383 -22.13 -7.56 -11.47
N ALA A 384 -23.01 -8.55 -11.55
CA ALA A 384 -22.89 -9.65 -12.50
C ALA A 384 -24.16 -10.49 -12.39
N SER A 385 -24.35 -11.38 -13.36
CA SER A 385 -25.59 -12.16 -13.39
C SER A 385 -25.73 -13.03 -12.15
N ALA A 386 -24.62 -13.61 -11.68
CA ALA A 386 -24.70 -14.46 -10.49
C ALA A 386 -25.15 -13.68 -9.27
N THR A 387 -24.89 -12.38 -9.25
CA THR A 387 -25.25 -11.54 -8.12
C THR A 387 -26.75 -11.30 -8.11
N GLY A 388 -27.45 -11.90 -7.16
CA GLY A 388 -28.85 -11.60 -6.95
C GLY A 388 -29.04 -10.14 -6.58
N ARG A 389 -29.21 -9.85 -5.30
CA ARG A 389 -29.30 -8.48 -4.81
C ARG A 389 -28.01 -8.16 -4.08
N LEU A 390 -27.67 -6.88 -4.01
CA LEU A 390 -26.43 -6.42 -3.42
C LEU A 390 -26.74 -5.44 -2.29
N ALA A 391 -26.18 -5.71 -1.11
CA ALA A 391 -26.28 -4.80 0.02
C ALA A 391 -24.89 -4.26 0.36
N VAL A 392 -24.82 -2.99 0.72
CA VAL A 392 -23.57 -2.40 1.20
C VAL A 392 -23.84 -1.66 2.51
N VAL A 393 -22.92 -1.86 3.45
CA VAL A 393 -22.96 -1.26 4.78
C VAL A 393 -21.71 -0.40 4.89
N PHE A 394 -21.89 0.89 5.19
CA PHE A 394 -20.72 1.76 5.31
C PHE A 394 -21.10 3.05 6.03
N GLY A 395 -20.07 3.78 6.47
CA GLY A 395 -20.18 5.15 6.93
C GLY A 395 -19.02 5.98 6.41
N ALA A 396 -18.78 7.14 7.01
CA ALA A 396 -17.67 7.99 6.58
C ALA A 396 -16.98 8.57 7.80
N GLY A 397 -15.67 8.74 7.69
CA GLY A 397 -14.86 9.11 8.82
C GLY A 397 -15.07 10.56 9.22
N GLY A 398 -15.07 10.79 10.53
CA GLY A 398 -15.04 12.15 11.01
C GLY A 398 -13.68 12.77 10.84
N ASN A 399 -13.67 14.09 10.67
CA ASN A 399 -12.42 14.81 10.46
C ASN A 399 -11.66 14.23 9.26
N ARG A 400 -12.42 13.85 8.24
CA ARG A 400 -11.92 13.42 6.94
C ARG A 400 -12.85 14.03 5.90
N ASP A 401 -12.27 14.43 4.77
CA ASP A 401 -12.95 15.07 3.65
C ASP A 401 -14.47 15.02 3.74
N PRO A 402 -15.12 16.03 4.34
CA PRO A 402 -16.60 15.98 4.44
C PRO A 402 -17.30 16.07 3.11
N GLY A 403 -16.66 16.63 2.08
CA GLY A 403 -17.31 16.77 0.79
C GLY A 403 -17.59 15.45 0.10
N LYS A 404 -16.97 14.37 0.54
CA LYS A 404 -17.18 13.07 -0.09
C LYS A 404 -18.46 12.38 0.37
N ARG A 405 -19.11 12.87 1.43
CA ARG A 405 -20.14 12.09 2.11
C ARG A 405 -21.39 11.93 1.25
N GLU A 406 -21.93 13.04 0.74
CA GLU A 406 -23.07 12.93 -0.14
C GLU A 406 -22.76 12.08 -1.36
N GLU A 407 -21.56 12.22 -1.91
CA GLU A 407 -21.19 11.48 -3.11
C GLU A 407 -21.13 9.98 -2.83
N MET A 408 -20.67 9.59 -1.64
CA MET A 408 -20.65 8.17 -1.28
C MET A 408 -22.06 7.61 -1.22
N GLY A 409 -22.98 8.35 -0.60
CA GLY A 409 -24.37 7.93 -0.62
C GLY A 409 -24.91 7.80 -2.04
N ARG A 410 -24.57 8.77 -2.90
CA ARG A 410 -25.07 8.71 -4.28
C ARG A 410 -24.57 7.45 -4.99
N VAL A 411 -23.26 7.19 -4.95
CA VAL A 411 -22.73 6.07 -5.72
C VAL A 411 -23.27 4.76 -5.21
N ALA A 412 -23.47 4.64 -3.90
CA ALA A 412 -24.04 3.42 -3.34
C ALA A 412 -25.50 3.23 -3.77
N ALA A 413 -26.31 4.27 -3.67
CA ALA A 413 -27.72 4.16 -4.04
C ALA A 413 -27.91 3.94 -5.54
N GLU A 414 -26.94 4.32 -6.37
CA GLU A 414 -27.03 4.04 -7.81
C GLU A 414 -26.79 2.57 -8.14
N ARG A 415 -26.16 1.82 -7.24
CA ARG A 415 -25.61 0.50 -7.57
C ARG A 415 -26.11 -0.64 -6.70
N ALA A 416 -26.57 -0.35 -5.49
CA ALA A 416 -26.93 -1.39 -4.53
C ALA A 416 -28.43 -1.44 -4.34
N ASP A 417 -28.93 -2.63 -3.98
CA ASP A 417 -30.34 -2.78 -3.65
C ASP A 417 -30.64 -2.36 -2.22
N LEU A 418 -29.67 -2.50 -1.32
CA LEU A 418 -29.81 -2.07 0.07
C LEU A 418 -28.56 -1.30 0.45
N VAL A 419 -28.76 -0.10 0.99
CA VAL A 419 -27.67 0.75 1.48
C VAL A 419 -27.93 0.94 2.96
N VAL A 420 -27.01 0.45 3.80
CA VAL A 420 -27.11 0.62 5.24
C VAL A 420 -26.06 1.64 5.65
N VAL A 421 -26.51 2.80 6.12
CA VAL A 421 -25.61 3.88 6.51
C VAL A 421 -25.38 3.78 8.01
N THR A 422 -24.11 3.64 8.42
CA THR A 422 -23.75 3.40 9.81
C THR A 422 -22.56 4.27 10.16
N ASP A 423 -21.98 4.05 11.34
CA ASP A 423 -20.83 4.82 11.82
C ASP A 423 -19.52 4.16 11.41
N ASP A 424 -18.52 4.99 11.10
CA ASP A 424 -17.16 4.54 10.75
C ASP A 424 -16.21 5.64 11.21
N ASN A 425 -15.69 5.50 12.43
CA ASN A 425 -14.72 6.43 12.96
C ASN A 425 -15.19 7.88 12.91
N PRO A 426 -16.31 8.21 13.57
CA PRO A 426 -16.75 9.61 13.58
C PRO A 426 -15.78 10.57 14.27
N ARG A 427 -14.86 10.05 15.09
CA ARG A 427 -13.77 10.86 15.67
C ARG A 427 -14.36 12.03 16.44
N ASP A 428 -13.97 13.26 16.15
CA ASP A 428 -14.43 14.40 16.94
C ASP A 428 -15.71 15.05 16.42
N GLU A 429 -16.37 14.42 15.44
CA GLU A 429 -17.57 14.98 14.83
C GLU A 429 -18.84 14.37 15.39
N ASP A 430 -19.94 15.09 15.23
CA ASP A 430 -21.28 14.61 15.51
C ASP A 430 -21.57 13.42 14.59
N PRO A 431 -21.66 12.20 15.11
CA PRO A 431 -21.86 11.06 14.20
C PRO A 431 -23.15 11.14 13.42
N ALA A 432 -24.21 11.69 14.00
CA ALA A 432 -25.49 11.76 13.30
C ALA A 432 -25.40 12.67 12.08
N ALA A 433 -24.64 13.77 12.18
CA ALA A 433 -24.50 14.67 11.04
C ALA A 433 -23.77 14.03 9.87
N ILE A 434 -22.80 13.15 10.16
CA ILE A 434 -22.13 12.45 9.07
C ILE A 434 -23.11 11.54 8.35
N ARG A 435 -23.86 10.73 9.11
CA ARG A 435 -24.81 9.82 8.49
C ARG A 435 -25.86 10.59 7.69
N ALA A 436 -26.32 11.72 8.22
CA ALA A 436 -27.34 12.50 7.53
C ALA A 436 -26.85 12.92 6.15
N ALA A 437 -25.58 13.29 6.02
CA ALA A 437 -25.07 13.70 4.71
C ALA A 437 -25.04 12.53 3.73
N ILE A 438 -24.60 11.36 4.19
CA ILE A 438 -24.61 10.19 3.32
C ILE A 438 -26.04 9.86 2.90
N VAL A 439 -26.97 9.87 3.85
CA VAL A 439 -28.35 9.55 3.55
C VAL A 439 -28.92 10.53 2.52
N ALA A 440 -28.61 11.82 2.69
CA ALA A 440 -29.09 12.81 1.73
C ALA A 440 -28.59 12.50 0.32
N GLY A 441 -27.32 12.16 0.19
CA GLY A 441 -26.80 11.79 -1.13
C GLY A 441 -27.50 10.57 -1.70
N ALA A 442 -27.70 9.54 -0.86
CA ALA A 442 -28.38 8.33 -1.32
C ALA A 442 -29.80 8.63 -1.78
N LYS A 443 -30.52 9.45 -1.00
CA LYS A 443 -31.90 9.78 -1.36
C LYS A 443 -31.97 10.63 -2.62
N SER A 444 -30.93 11.41 -2.91
CA SER A 444 -30.95 12.25 -4.10
C SER A 444 -31.01 11.44 -5.39
N VAL A 445 -30.66 10.16 -5.34
CA VAL A 445 -30.69 9.29 -6.51
C VAL A 445 -32.13 8.90 -6.81
N ALA A 446 -32.47 8.77 -8.09
CA ALA A 446 -33.85 8.49 -8.47
C ALA A 446 -34.24 7.04 -8.22
N GLY A 447 -33.27 6.13 -8.12
CA GLY A 447 -33.51 4.70 -8.20
C GLY A 447 -34.28 4.02 -7.07
N GLN A 448 -34.14 2.69 -7.02
CA GLN A 448 -34.98 1.83 -6.18
C GLN A 448 -34.21 1.22 -5.00
N ALA A 449 -33.07 1.78 -4.63
CA ALA A 449 -32.34 1.25 -3.48
C ALA A 449 -33.10 1.55 -2.20
N GLN A 450 -33.15 0.56 -1.30
CA GLN A 450 -33.67 0.79 0.03
C GLN A 450 -32.56 1.39 0.88
N ILE A 451 -32.87 2.46 1.60
CA ILE A 451 -31.89 3.19 2.39
C ILE A 451 -32.28 3.05 3.85
N VAL A 452 -31.39 2.45 4.65
CA VAL A 452 -31.61 2.26 6.07
CA VAL A 452 -31.60 2.21 6.07
C VAL A 452 -30.45 2.87 6.83
N GLU A 453 -30.77 3.55 7.92
CA GLU A 453 -29.77 4.20 8.76
C GLU A 453 -29.74 3.52 10.12
N ILE A 454 -28.58 2.97 10.48
CA ILE A 454 -28.39 2.27 11.75
C ILE A 454 -27.03 2.71 12.30
N ALA A 455 -27.06 3.48 13.38
CA ALA A 455 -25.83 4.11 13.88
C ALA A 455 -24.81 3.07 14.34
N ASP A 456 -25.26 2.08 15.11
CA ASP A 456 -24.34 1.08 15.65
C ASP A 456 -23.89 0.14 14.54
N ARG A 457 -22.57 0.01 14.37
CA ARG A 457 -22.04 -0.74 13.23
C ARG A 457 -22.30 -2.24 13.36
N ARG A 458 -22.25 -2.79 14.57
CA ARG A 458 -22.62 -4.20 14.72
CA ARG A 458 -22.63 -4.19 14.75
C ARG A 458 -24.08 -4.43 14.34
N GLU A 459 -24.98 -3.55 14.78
CA GLU A 459 -26.37 -3.70 14.41
C GLU A 459 -26.56 -3.55 12.91
N ALA A 460 -25.76 -2.69 12.28
CA ALA A 460 -25.88 -2.49 10.83
C ALA A 460 -25.44 -3.72 10.06
N ILE A 461 -24.31 -4.32 10.46
CA ILE A 461 -23.87 -5.57 9.86
C ILE A 461 -24.94 -6.64 10.06
N ASP A 462 -25.51 -6.71 11.26
CA ASP A 462 -26.52 -7.72 11.55
C ASP A 462 -27.73 -7.56 10.64
N HIS A 463 -28.17 -6.31 10.45
CA HIS A 463 -29.31 -6.05 9.59
C HIS A 463 -29.08 -6.57 8.18
N ALA A 464 -27.91 -6.28 7.60
CA ALA A 464 -27.64 -6.74 6.24
C ALA A 464 -27.56 -8.26 6.17
N VAL A 465 -26.96 -8.89 7.19
CA VAL A 465 -26.87 -10.35 7.19
C VAL A 465 -28.26 -10.98 7.24
N ARG A 466 -29.15 -10.42 8.06
CA ARG A 466 -30.52 -10.94 8.17
C ARG A 466 -31.32 -10.71 6.90
N TRP A 467 -30.97 -9.68 6.14
CA TRP A 467 -31.66 -9.34 4.90
C TRP A 467 -31.34 -10.29 3.78
N ALA A 468 -30.17 -10.91 3.80
CA ALA A 468 -29.65 -11.61 2.64
C ALA A 468 -30.30 -12.97 2.45
N GLY A 469 -30.55 -13.31 1.18
CA GLY A 469 -31.03 -14.62 0.80
C GLY A 469 -30.04 -15.30 -0.13
N ALA A 470 -30.41 -16.51 -0.54
CA ALA A 470 -29.53 -17.30 -1.39
C ALA A 470 -29.12 -16.51 -2.62
N GLY A 471 -27.80 -16.47 -2.87
CA GLY A 471 -27.26 -15.82 -4.04
C GLY A 471 -27.07 -14.33 -3.93
N ASP A 472 -27.49 -13.71 -2.82
CA ASP A 472 -27.25 -12.29 -2.62
C ASP A 472 -25.80 -12.02 -2.26
N VAL A 473 -25.45 -10.73 -2.18
CA VAL A 473 -24.11 -10.29 -1.81
C VAL A 473 -24.25 -9.22 -0.73
N VAL A 474 -23.48 -9.38 0.35
CA VAL A 474 -23.41 -8.41 1.44
C VAL A 474 -21.99 -7.89 1.52
N LEU A 475 -21.81 -6.59 1.35
CA LEU A 475 -20.50 -5.96 1.39
C LEU A 475 -20.41 -5.03 2.60
N ILE A 476 -19.41 -5.25 3.46
CA ILE A 476 -19.12 -4.36 4.59
C ILE A 476 -17.91 -3.53 4.20
N ALA A 477 -18.11 -2.24 3.97
CA ALA A 477 -17.10 -1.40 3.33
C ALA A 477 -16.60 -0.31 4.26
N GLY A 478 -15.35 0.07 4.06
CA GLY A 478 -14.80 1.30 4.62
C GLY A 478 -13.69 1.10 5.61
N LYS A 479 -13.56 -0.09 6.20
CA LYS A 479 -12.50 -0.38 7.16
C LYS A 479 -11.51 -1.42 6.67
N GLY A 480 -11.93 -2.39 5.86
CA GLY A 480 -10.96 -3.37 5.39
C GLY A 480 -10.30 -4.11 6.53
N HIS A 481 -8.96 -4.10 6.51
CA HIS A 481 -8.17 -4.79 7.53
C HIS A 481 -8.00 -3.99 8.81
N GLU A 482 -8.50 -2.75 8.84
CA GLU A 482 -8.23 -1.83 9.95
C GLU A 482 -9.27 -2.00 11.05
N SER A 483 -8.83 -2.39 12.24
CA SER A 483 -9.74 -2.56 13.37
C SER A 483 -9.83 -1.28 14.16
N GLY A 484 -11.04 -0.93 14.54
CA GLY A 484 -11.26 0.14 15.51
C GLY A 484 -12.46 0.98 15.17
N GLN A 485 -13.10 1.51 16.21
CA GLN A 485 -14.12 2.55 16.07
C GLN A 485 -13.69 3.67 17.02
N THR A 486 -13.31 4.81 16.46
CA THR A 486 -12.84 5.95 17.25
C THR A 486 -13.93 6.99 17.38
N ARG A 487 -14.25 7.36 18.63
CA ARG A 487 -15.25 8.37 18.94
C ARG A 487 -14.72 9.25 20.06
N GLY A 488 -14.67 10.55 19.85
CA GLY A 488 -14.31 11.45 20.94
C GLY A 488 -13.02 11.09 21.63
N GLY A 489 -12.01 10.71 20.86
CA GLY A 489 -10.70 10.42 21.40
C GLY A 489 -10.54 9.07 22.07
N GLN A 490 -11.51 8.18 21.94
CA GLN A 490 -11.41 6.81 22.46
C GLN A 490 -11.60 5.85 21.31
N THR A 491 -10.80 4.80 21.27
CA THR A 491 -10.89 3.80 20.21
C THR A 491 -11.21 2.44 20.81
N ARG A 492 -12.34 1.88 20.40
CA ARG A 492 -12.73 0.54 20.76
C ARG A 492 -12.39 -0.44 19.63
N PRO A 493 -12.02 -1.67 19.91
CA PRO A 493 -11.77 -2.63 18.83
C PRO A 493 -13.01 -2.82 17.98
N PHE A 494 -12.80 -2.93 16.66
CA PHE A 494 -13.90 -3.25 15.75
C PHE A 494 -13.30 -3.75 14.44
N ASP A 495 -13.28 -5.08 14.29
CA ASP A 495 -12.76 -5.69 13.07
C ASP A 495 -13.93 -6.19 12.24
N ASP A 496 -14.10 -5.62 11.04
CA ASP A 496 -15.27 -5.98 10.24
C ASP A 496 -15.30 -7.47 9.91
N ARG A 497 -14.14 -8.10 9.71
CA ARG A 497 -14.14 -9.53 9.43
C ARG A 497 -14.68 -10.32 10.62
N ALA A 498 -14.21 -10.00 11.83
CA ALA A 498 -14.69 -10.70 13.03
C ALA A 498 -16.16 -10.42 13.27
N GLU A 499 -16.60 -9.18 13.05
CA GLU A 499 -18.01 -8.85 13.33
C GLU A 499 -18.92 -9.46 12.29
N LEU A 500 -18.47 -9.51 11.03
CA LEU A 500 -19.26 -10.19 9.99
C LEU A 500 -19.35 -11.69 10.29
N ALA A 501 -18.23 -12.32 10.65
CA ALA A 501 -18.30 -13.74 10.98
C ALA A 501 -19.27 -14.00 12.11
N ALA A 502 -19.24 -13.17 13.16
CA ALA A 502 -20.13 -13.37 14.30
C ALA A 502 -21.60 -13.28 13.89
N ALA A 503 -21.94 -12.31 13.03
CA ALA A 503 -23.31 -12.21 12.55
C ALA A 503 -23.70 -13.42 11.71
N LEU A 504 -22.78 -13.92 10.88
CA LEU A 504 -23.09 -15.08 10.06
C LEU A 504 -23.31 -16.31 10.92
N VAL A 505 -22.46 -16.51 11.94
CA VAL A 505 -22.66 -17.64 12.84
C VAL A 505 -23.99 -17.53 13.56
N ALA A 506 -24.39 -16.33 13.98
CA ALA A 506 -25.61 -16.15 14.76
C ALA A 506 -26.88 -16.29 13.93
N ARG A 507 -26.86 -15.84 12.68
CA ARG A 507 -28.08 -15.63 11.91
C ARG A 507 -28.29 -16.63 10.78
N THR A 508 -27.31 -17.51 10.54
CA THR A 508 -27.24 -18.23 9.29
C THR A 508 -27.10 -19.75 9.48
#